data_3RW9
#
_entry.id   3RW9
#
_cell.length_a   58.177
_cell.length_b   60.816
_cell.length_c   87.021
_cell.angle_alpha   90.000
_cell.angle_beta   108.050
_cell.angle_gamma   90.000
#
_symmetry.space_group_name_H-M   'P 1 21 1'
#
loop_
_entity.id
_entity.type
_entity.pdbx_description
1 polymer 'Spermidine synthase'
2 non-polymer "5'-S-(3-aminopropyl)-5'-thioadenosine"
3 water water
#
_entity_poly.entity_id   1
_entity_poly.type   'polypeptide(L)'
_entity_poly.pdbx_seq_one_letter_code
;GHMEPGPDGPAASGPAAIREGWFRETCSLWPGQALSLQVEQLLHHRRSRYQDILVFRSKTYGNVLVLDGVIQCTERDEFS
YQEMIANLPLCSHPNPRKVLIIGGGDGGVLREVVKHPSVESVVQCEIDEDVIQVSKKFLPGMAIGYSSSKLTLHVGDGFE
FMKQNQDAFDVIITDSSDPMGPAESLFKESYYQLMKTALKEDGVLCCQGECQWLHLDLIKEMRQFCQSLFPVVAYAYCTI
PTYPSGQIGFMLCSKNPSTNFQEPVQPLTQQQVAQMQLKYYNSDVHRAAFVLPEFARKALNDVS
;
_entity_poly.pdbx_strand_id   A,B
#
loop_
_chem_comp.id
_chem_comp.type
_chem_comp.name
_chem_comp.formula
DSH non-polymer 5'-S-(3-aminopropyl)-5'-thioadenosine 'C13 H20 N6 O3 S'
#
# COMPACT_ATOMS: atom_id res chain seq x y z
N ALA A 17 -13.62 8.33 -22.95
CA ALA A 17 -13.33 6.98 -22.47
C ALA A 17 -11.85 6.67 -22.63
N ILE A 18 -11.51 6.02 -23.72
CA ILE A 18 -10.12 5.75 -24.04
C ILE A 18 -9.55 6.89 -24.89
N ARG A 19 -8.48 7.49 -24.42
CA ARG A 19 -7.86 8.59 -25.15
C ARG A 19 -6.41 8.28 -25.50
N GLU A 20 -6.12 8.28 -26.79
CA GLU A 20 -4.75 8.07 -27.24
C GLU A 20 -4.09 6.84 -26.62
N GLY A 21 -4.81 5.71 -26.62
CA GLY A 21 -4.28 4.44 -26.14
C GLY A 21 -4.28 4.24 -24.63
N TRP A 22 -4.83 5.20 -23.89
CA TRP A 22 -4.84 5.14 -22.44
C TRP A 22 -6.25 5.33 -21.88
N PHE A 23 -6.62 4.51 -20.90
CA PHE A 23 -7.84 4.75 -20.15
C PHE A 23 -7.51 5.40 -18.81
N ARG A 24 -8.10 6.57 -18.55
CA ARG A 24 -7.84 7.28 -17.29
C ARG A 24 -9.04 7.21 -16.36
N GLU A 25 -8.78 6.90 -15.10
CA GLU A 25 -9.84 6.77 -14.12
C GLU A 25 -9.92 8.03 -13.26
N THR A 26 -11.03 8.76 -13.37
CA THR A 26 -11.28 9.93 -12.53
C THR A 26 -12.59 9.78 -11.80
N CYS A 27 -12.64 10.32 -10.58
CA CYS A 27 -13.85 10.31 -9.77
C CYS A 27 -13.79 11.38 -8.71
N SER A 28 -14.93 11.99 -8.40
CA SER A 28 -14.96 13.10 -7.48
C SER A 28 -14.60 12.67 -6.06
N LEU A 29 -14.64 11.36 -5.81
CA LEU A 29 -14.31 10.85 -4.48
C LEU A 29 -12.81 10.77 -4.27
N TRP A 30 -12.03 10.95 -5.34
CA TRP A 30 -10.58 11.14 -5.21
C TRP A 30 -10.07 12.25 -6.13
N PRO A 31 -10.45 13.50 -5.82
CA PRO A 31 -10.22 14.64 -6.71
C PRO A 31 -8.73 14.92 -6.83
N GLY A 32 -8.32 15.36 -8.03
CA GLY A 32 -6.97 15.85 -8.18
C GLY A 32 -5.95 14.77 -8.43
N GLN A 33 -6.42 13.52 -8.52
CA GLN A 33 -5.53 12.40 -8.85
C GLN A 33 -6.23 11.44 -9.82
N ALA A 34 -5.43 10.63 -10.51
CA ALA A 34 -5.98 9.70 -11.49
C ALA A 34 -4.96 8.63 -11.85
N LEU A 35 -5.43 7.39 -11.94
CA LEU A 35 -4.65 6.30 -12.53
C LEU A 35 -5.07 6.14 -13.98
N SER A 36 -4.10 6.05 -14.88
CA SER A 36 -4.38 5.63 -16.25
C SER A 36 -3.74 4.28 -16.57
N LEU A 37 -4.44 3.44 -17.33
CA LEU A 37 -3.85 2.20 -17.80
C LEU A 37 -3.78 2.21 -19.33
N GLN A 38 -2.61 1.88 -19.88
CA GLN A 38 -2.45 1.83 -21.32
C GLN A 38 -3.29 0.70 -21.90
N VAL A 39 -3.99 0.96 -23.00
CA VAL A 39 -4.90 -0.02 -23.59
C VAL A 39 -4.31 -0.73 -24.84
N GLU A 40 -4.42 -2.05 -24.87
CA GLU A 40 -3.99 -2.82 -26.05
C GLU A 40 -5.17 -3.14 -26.99
N GLN A 41 -6.36 -3.36 -26.42
CA GLN A 41 -7.54 -3.73 -27.21
C GLN A 41 -8.83 -3.49 -26.42
N LEU A 42 -9.73 -2.68 -26.96
CA LEU A 42 -11.11 -2.60 -26.48
C LEU A 42 -11.82 -3.93 -26.72
N LEU A 43 -12.36 -4.54 -25.67
CA LEU A 43 -13.01 -5.85 -25.80
C LEU A 43 -14.54 -5.79 -25.74
N HIS A 44 -15.07 -4.79 -25.04
CA HIS A 44 -16.50 -4.71 -24.74
C HIS A 44 -16.92 -3.35 -24.15
N HIS A 45 -18.09 -2.85 -24.52
CA HIS A 45 -18.58 -1.55 -24.05
C HIS A 45 -20.10 -1.41 -24.17
N ARG A 46 -20.85 -1.95 -23.21
CA ARG A 46 -22.32 -1.86 -23.25
C ARG A 46 -22.94 -1.40 -21.92
N ARG A 47 -24.09 -0.75 -22.02
CA ARG A 47 -24.90 -0.32 -20.87
C ARG A 47 -25.94 -1.38 -20.53
N SER A 48 -25.90 -1.89 -19.30
CA SER A 48 -26.92 -2.84 -18.85
C SER A 48 -28.07 -2.04 -18.25
N ARG A 49 -29.02 -2.74 -17.62
CA ARG A 49 -30.12 -2.05 -16.96
C ARG A 49 -29.58 -1.13 -15.90
N TYR A 50 -28.39 -1.46 -15.41
CA TYR A 50 -27.91 -0.85 -14.17
C TYR A 50 -26.68 0.04 -14.26
N GLN A 51 -25.71 -0.35 -15.11
CA GLN A 51 -24.45 0.37 -15.15
C GLN A 51 -23.80 0.32 -16.52
N ASP A 52 -22.85 1.22 -16.74
CA ASP A 52 -22.02 1.17 -17.93
C ASP A 52 -20.91 0.14 -17.71
N ILE A 53 -20.79 -0.81 -18.64
CA ILE A 53 -19.80 -1.88 -18.51
C ILE A 53 -18.75 -1.82 -19.59
N LEU A 54 -17.50 -1.63 -19.17
CA LEU A 54 -16.41 -1.50 -20.12
C LEU A 54 -15.29 -2.47 -19.77
N VAL A 55 -14.91 -3.31 -20.74
CA VAL A 55 -13.78 -4.23 -20.58
C VAL A 55 -12.73 -3.97 -21.65
N PHE A 56 -11.46 -3.92 -21.25
CA PHE A 56 -10.37 -3.86 -22.20
C PHE A 56 -9.22 -4.77 -21.79
N ARG A 57 -8.42 -5.17 -22.77
CA ARG A 57 -7.13 -5.78 -22.50
C ARG A 57 -6.11 -4.65 -22.36
N SER A 58 -5.48 -4.57 -21.19
CA SER A 58 -4.51 -3.50 -20.95
C SER A 58 -3.16 -4.03 -21.35
N LYS A 59 -2.20 -3.12 -21.52
CA LYS A 59 -0.85 -3.52 -21.90
C LYS A 59 -0.17 -4.35 -20.82
N THR A 60 -0.34 -3.98 -19.54
CA THR A 60 0.39 -4.70 -18.47
C THR A 60 -0.40 -5.26 -17.27
N TYR A 61 -1.73 -5.13 -17.27
CA TYR A 61 -2.54 -5.63 -16.15
C TYR A 61 -3.55 -6.71 -16.55
N GLY A 62 -3.40 -7.25 -17.76
CA GLY A 62 -4.31 -8.28 -18.23
C GLY A 62 -5.65 -7.66 -18.59
N ASN A 63 -6.72 -8.42 -18.45
CA ASN A 63 -8.04 -7.84 -18.71
C ASN A 63 -8.48 -6.94 -17.56
N VAL A 64 -9.19 -5.88 -17.91
CA VAL A 64 -9.61 -4.87 -16.95
C VAL A 64 -11.12 -4.64 -17.05
N LEU A 65 -11.81 -4.77 -15.92
CA LEU A 65 -13.24 -4.52 -15.84
C LEU A 65 -13.54 -3.17 -15.20
N VAL A 66 -14.24 -2.32 -15.93
CA VAL A 66 -14.59 -0.97 -15.49
C VAL A 66 -16.12 -0.82 -15.43
N LEU A 67 -16.63 -0.35 -14.29
CA LEU A 67 -18.09 -0.14 -14.11
C LEU A 67 -18.42 1.32 -13.76
N ASP A 68 -19.22 1.96 -14.62
CA ASP A 68 -19.46 3.39 -14.50
C ASP A 68 -18.17 4.20 -14.41
N GLY A 69 -17.14 3.79 -15.14
CA GLY A 69 -15.88 4.53 -15.20
C GLY A 69 -14.96 4.33 -14.01
N VAL A 70 -15.30 3.40 -13.14
CA VAL A 70 -14.41 3.03 -12.04
C VAL A 70 -13.80 1.64 -12.29
N ILE A 71 -12.49 1.54 -12.17
CA ILE A 71 -11.83 0.24 -12.28
C ILE A 71 -12.25 -0.62 -11.09
N GLN A 72 -12.79 -1.79 -11.40
CA GLN A 72 -13.33 -2.68 -10.37
C GLN A 72 -12.46 -3.93 -10.22
N CYS A 73 -11.83 -4.34 -11.31
CA CYS A 73 -10.75 -5.33 -11.19
C CYS A 73 -9.87 -5.48 -12.42
N THR A 74 -8.65 -5.96 -12.19
CA THR A 74 -7.75 -6.34 -13.27
C THR A 74 -7.27 -7.76 -12.98
N GLU A 75 -6.92 -8.50 -14.03
CA GLU A 75 -6.44 -9.86 -13.84
C GLU A 75 -5.11 -9.91 -13.07
N ARG A 76 -4.27 -8.90 -13.24
CA ARG A 76 -2.97 -8.92 -12.59
C ARG A 76 -3.01 -8.79 -11.06
N ASP A 77 -3.94 -8.01 -10.52
CA ASP A 77 -3.86 -7.73 -9.08
C ASP A 77 -5.12 -8.02 -8.26
N GLU A 78 -6.13 -8.66 -8.87
CA GLU A 78 -7.40 -8.87 -8.18
C GLU A 78 -7.27 -9.86 -7.02
N PHE A 79 -6.24 -10.67 -7.07
CA PHE A 79 -6.07 -11.71 -6.05
C PHE A 79 -5.88 -11.14 -4.64
N SER A 80 -5.30 -9.95 -4.50
CA SER A 80 -5.12 -9.39 -3.16
C SER A 80 -6.45 -9.05 -2.49
N TYR A 81 -7.27 -8.25 -3.15
CA TYR A 81 -8.59 -7.86 -2.62
C TYR A 81 -9.51 -9.07 -2.44
N GLN A 82 -9.54 -9.92 -3.46
CA GLN A 82 -10.41 -11.11 -3.42
C GLN A 82 -10.04 -12.02 -2.25
N GLU A 83 -8.76 -12.32 -2.10
CA GLU A 83 -8.33 -13.21 -1.02
C GLU A 83 -8.52 -12.59 0.36
N MET A 84 -8.38 -11.28 0.49
CA MET A 84 -8.44 -10.67 1.81
C MET A 84 -9.88 -10.48 2.29
N ILE A 85 -10.71 -9.99 1.41
CA ILE A 85 -12.12 -9.83 1.74
C ILE A 85 -12.77 -11.17 2.07
N ALA A 86 -12.27 -12.26 1.50
CA ALA A 86 -12.83 -13.58 1.80
C ALA A 86 -12.23 -14.18 3.07
N ASN A 87 -10.90 -14.17 3.17
CA ASN A 87 -10.22 -14.84 4.27
C ASN A 87 -10.18 -14.09 5.60
N LEU A 88 -10.27 -12.77 5.54
CA LEU A 88 -10.33 -11.98 6.76
C LEU A 88 -11.50 -12.41 7.65
N PRO A 89 -12.73 -12.43 7.11
CA PRO A 89 -13.85 -12.91 7.92
C PRO A 89 -13.85 -14.42 8.14
N LEU A 90 -13.54 -15.21 7.11
CA LEU A 90 -13.64 -16.66 7.25
C LEU A 90 -12.68 -17.24 8.28
N CYS A 91 -11.44 -16.77 8.29
CA CYS A 91 -10.48 -17.22 9.30
C CYS A 91 -10.66 -16.56 10.67
N SER A 92 -11.59 -15.61 10.76
CA SER A 92 -11.94 -15.01 12.05
C SER A 92 -13.17 -15.67 12.66
N HIS A 93 -13.70 -16.68 11.97
CA HIS A 93 -14.84 -17.45 12.47
C HIS A 93 -14.38 -18.88 12.69
N PRO A 94 -14.79 -19.48 13.82
CA PRO A 94 -14.39 -20.84 14.20
C PRO A 94 -14.88 -21.94 13.23
N ASN A 95 -16.10 -21.80 12.70
CA ASN A 95 -16.64 -22.81 11.81
C ASN A 95 -17.65 -22.24 10.82
N PRO A 96 -17.16 -21.56 9.78
CA PRO A 96 -18.07 -20.89 8.84
C PRO A 96 -18.65 -21.92 7.90
N ARG A 97 -19.96 -22.18 7.96
CA ARG A 97 -20.57 -23.21 7.11
C ARG A 97 -21.53 -22.61 6.08
N LYS A 98 -22.22 -21.54 6.45
CA LYS A 98 -23.11 -20.88 5.53
C LYS A 98 -22.67 -19.43 5.31
N VAL A 99 -22.49 -19.07 4.05
CA VAL A 99 -21.89 -17.80 3.72
C VAL A 99 -22.75 -17.07 2.71
N LEU A 100 -22.83 -15.75 2.84
CA LEU A 100 -23.56 -14.92 1.90
C LEU A 100 -22.61 -13.93 1.28
N ILE A 101 -22.66 -13.80 -0.04
CA ILE A 101 -21.88 -12.75 -0.69
C ILE A 101 -22.79 -11.79 -1.39
N ILE A 102 -22.66 -10.51 -1.09
CA ILE A 102 -23.46 -9.51 -1.77
C ILE A 102 -22.61 -8.87 -2.84
N GLY A 103 -23.11 -8.86 -4.08
CA GLY A 103 -22.35 -8.32 -5.19
C GLY A 103 -21.40 -9.38 -5.71
N GLY A 104 -20.15 -9.02 -5.97
CA GLY A 104 -19.21 -10.00 -6.46
C GLY A 104 -19.65 -10.70 -7.73
N GLY A 105 -20.05 -9.92 -8.73
CA GLY A 105 -20.49 -10.47 -10.00
C GLY A 105 -19.41 -11.19 -10.79
N ASP A 106 -18.15 -10.79 -10.58
CA ASP A 106 -17.07 -11.36 -11.38
C ASP A 106 -16.74 -12.79 -10.98
N GLY A 107 -17.13 -13.20 -9.78
CA GLY A 107 -16.95 -14.58 -9.34
C GLY A 107 -15.76 -14.79 -8.44
N GLY A 108 -14.89 -13.78 -8.37
CA GLY A 108 -13.63 -13.93 -7.67
C GLY A 108 -13.73 -14.21 -6.18
N VAL A 109 -14.67 -13.54 -5.50
CA VAL A 109 -14.80 -13.73 -4.07
C VAL A 109 -15.31 -15.14 -3.79
N LEU A 110 -16.26 -15.58 -4.62
CA LEU A 110 -16.82 -16.91 -4.55
C LEU A 110 -15.71 -17.94 -4.70
N ARG A 111 -14.87 -17.71 -5.70
CA ARG A 111 -13.67 -18.52 -5.93
C ARG A 111 -12.92 -18.72 -4.62
N GLU A 112 -12.64 -17.63 -3.90
CA GLU A 112 -11.85 -17.77 -2.67
C GLU A 112 -12.62 -18.40 -1.53
N VAL A 113 -13.91 -18.08 -1.40
CA VAL A 113 -14.70 -18.64 -0.31
C VAL A 113 -14.82 -20.17 -0.38
N VAL A 114 -15.11 -20.71 -1.56
CA VAL A 114 -15.38 -22.16 -1.67
C VAL A 114 -14.18 -23.07 -1.41
N LYS A 115 -12.99 -22.47 -1.31
CA LYS A 115 -11.77 -23.23 -1.03
C LYS A 115 -11.79 -23.75 0.39
N HIS A 116 -12.67 -23.20 1.21
CA HIS A 116 -12.75 -23.59 2.60
C HIS A 116 -13.62 -24.83 2.72
N PRO A 117 -13.06 -25.91 3.29
CA PRO A 117 -13.78 -27.16 3.50
C PRO A 117 -15.02 -27.01 4.37
N SER A 118 -14.95 -26.15 5.38
CA SER A 118 -16.06 -25.98 6.31
C SER A 118 -17.29 -25.38 5.65
N VAL A 119 -17.08 -24.68 4.54
CA VAL A 119 -18.18 -24.00 3.86
C VAL A 119 -18.99 -24.99 3.03
N GLU A 120 -20.26 -25.14 3.39
CA GLU A 120 -21.14 -26.07 2.70
C GLU A 120 -21.98 -25.36 1.65
N SER A 121 -22.33 -24.13 1.94
CA SER A 121 -23.22 -23.38 1.08
C SER A 121 -22.81 -21.94 1.01
N VAL A 122 -22.84 -21.39 -0.20
CA VAL A 122 -22.55 -19.98 -0.41
C VAL A 122 -23.70 -19.45 -1.23
N VAL A 123 -24.40 -18.46 -0.69
CA VAL A 123 -25.40 -17.75 -1.48
C VAL A 123 -24.79 -16.47 -2.02
N GLN A 124 -25.04 -16.16 -3.29
CA GLN A 124 -24.55 -14.91 -3.85
C GLN A 124 -25.68 -14.08 -4.43
N CYS A 125 -25.80 -12.84 -3.98
CA CYS A 125 -26.84 -11.96 -4.51
C CYS A 125 -26.21 -10.86 -5.33
N GLU A 126 -26.36 -10.95 -6.65
CA GLU A 126 -25.78 -9.98 -7.56
C GLU A 126 -26.89 -9.35 -8.38
N ILE A 127 -26.80 -8.05 -8.59
CA ILE A 127 -27.95 -7.33 -9.14
C ILE A 127 -27.98 -7.34 -10.66
N ASP A 128 -26.80 -7.44 -11.27
CA ASP A 128 -26.69 -7.29 -12.73
C ASP A 128 -26.20 -8.56 -13.42
N GLU A 129 -27.11 -9.26 -14.09
CA GLU A 129 -26.82 -10.52 -14.77
C GLU A 129 -25.75 -10.35 -15.84
N ASP A 130 -25.70 -9.16 -16.42
CA ASP A 130 -24.74 -8.88 -17.48
C ASP A 130 -23.29 -8.85 -17.00
N VAL A 131 -23.05 -8.30 -15.82
CA VAL A 131 -21.72 -8.37 -15.22
C VAL A 131 -21.30 -9.83 -15.12
N ILE A 132 -22.25 -10.68 -14.74
CA ILE A 132 -21.96 -12.10 -14.65
C ILE A 132 -21.57 -12.69 -16.02
N GLN A 133 -22.26 -12.26 -17.07
CA GLN A 133 -21.99 -12.78 -18.42
C GLN A 133 -20.65 -12.31 -18.99
N VAL A 134 -20.33 -11.04 -18.77
CA VAL A 134 -19.07 -10.46 -19.20
C VAL A 134 -17.84 -11.08 -18.51
N SER A 135 -17.96 -11.34 -17.21
CA SER A 135 -16.88 -11.91 -16.42
C SER A 135 -16.60 -13.33 -16.86
N LYS A 136 -17.67 -14.08 -17.11
CA LYS A 136 -17.52 -15.46 -17.54
C LYS A 136 -16.71 -15.52 -18.82
N LYS A 137 -16.87 -14.52 -19.67
CA LYS A 137 -16.12 -14.48 -20.93
C LYS A 137 -14.74 -13.86 -20.77
N PHE A 138 -14.66 -12.74 -20.07
CA PHE A 138 -13.45 -11.92 -20.07
C PHE A 138 -12.62 -11.97 -18.78
N LEU A 139 -13.13 -12.64 -17.75
CA LEU A 139 -12.41 -12.81 -16.50
C LEU A 139 -12.48 -14.27 -16.03
N PRO A 140 -12.05 -15.20 -16.88
CA PRO A 140 -12.24 -16.62 -16.58
C PRO A 140 -11.55 -17.03 -15.30
N GLY A 141 -10.45 -16.37 -14.95
CA GLY A 141 -9.73 -16.69 -13.74
C GLY A 141 -10.53 -16.37 -12.48
N MET A 142 -11.44 -15.41 -12.62
CA MET A 142 -12.29 -15.04 -11.50
C MET A 142 -13.58 -15.85 -11.56
N ALA A 143 -14.16 -15.93 -12.75
CA ALA A 143 -15.45 -16.57 -12.95
C ALA A 143 -15.47 -18.09 -12.71
N ILE A 144 -14.30 -18.67 -12.45
CA ILE A 144 -14.25 -20.10 -12.17
C ILE A 144 -15.01 -20.43 -10.89
N GLY A 145 -15.24 -19.40 -10.07
CA GLY A 145 -16.04 -19.55 -8.87
C GLY A 145 -17.41 -20.12 -9.16
N TYR A 146 -17.99 -19.73 -10.30
CA TYR A 146 -19.35 -20.15 -10.64
C TYR A 146 -19.50 -21.63 -10.91
N SER A 147 -18.38 -22.34 -11.00
CA SER A 147 -18.40 -23.77 -11.29
C SER A 147 -18.53 -24.58 -9.99
N SER A 148 -18.44 -23.89 -8.86
CA SER A 148 -18.59 -24.53 -7.57
C SER A 148 -20.00 -25.08 -7.37
N SER A 149 -20.09 -26.26 -6.75
CA SER A 149 -21.37 -26.90 -6.47
C SER A 149 -22.04 -26.31 -5.24
N LYS A 150 -21.29 -25.54 -4.44
CA LYS A 150 -21.80 -24.94 -3.22
C LYS A 150 -22.61 -23.68 -3.50
N LEU A 151 -22.51 -23.18 -4.73
CA LEU A 151 -23.15 -21.92 -5.09
C LEU A 151 -24.68 -22.01 -5.22
N THR A 152 -25.37 -21.09 -4.55
CA THR A 152 -26.74 -20.77 -4.88
C THR A 152 -26.73 -19.34 -5.38
N LEU A 153 -26.90 -19.16 -6.69
CA LEU A 153 -26.91 -17.81 -7.23
C LEU A 153 -28.29 -17.19 -7.15
N HIS A 154 -28.32 -15.94 -6.73
CA HIS A 154 -29.54 -15.17 -6.58
C HIS A 154 -29.33 -13.85 -7.30
N VAL A 155 -30.22 -13.52 -8.22
CA VAL A 155 -30.20 -12.19 -8.82
C VAL A 155 -31.13 -11.23 -8.08
N GLY A 156 -30.65 -10.01 -7.82
CA GLY A 156 -31.44 -9.01 -7.13
C GLY A 156 -30.63 -8.03 -6.31
N ASP A 157 -31.29 -6.96 -5.85
CA ASP A 157 -30.64 -5.94 -5.04
C ASP A 157 -30.37 -6.51 -3.64
N GLY A 158 -29.10 -6.48 -3.24
CA GLY A 158 -28.68 -7.04 -1.96
C GLY A 158 -29.34 -6.42 -0.75
N PHE A 159 -29.71 -5.14 -0.84
CA PHE A 159 -30.41 -4.46 0.27
C PHE A 159 -31.73 -5.16 0.55
N GLU A 160 -32.55 -5.31 -0.48
CA GLU A 160 -33.83 -5.99 -0.34
C GLU A 160 -33.64 -7.46 0.01
N PHE A 161 -32.59 -8.07 -0.52
CA PHE A 161 -32.34 -9.47 -0.23
C PHE A 161 -32.08 -9.66 1.26
N MET A 162 -31.36 -8.72 1.86
CA MET A 162 -30.97 -8.88 3.26
C MET A 162 -32.20 -8.93 4.18
N LYS A 163 -33.27 -8.23 3.79
CA LYS A 163 -34.51 -8.23 4.60
C LYS A 163 -35.20 -9.58 4.63
N GLN A 164 -34.87 -10.45 3.69
CA GLN A 164 -35.51 -11.75 3.60
C GLN A 164 -34.90 -12.75 4.57
N ASN A 165 -33.84 -12.35 5.25
CA ASN A 165 -33.05 -13.33 5.99
C ASN A 165 -32.93 -13.01 7.46
N GLN A 166 -33.04 -14.03 8.31
CA GLN A 166 -32.88 -13.82 9.74
C GLN A 166 -32.18 -14.99 10.39
N ASP A 167 -31.07 -14.73 11.09
CA ASP A 167 -30.38 -15.80 11.82
C ASP A 167 -29.97 -16.92 10.85
N ALA A 168 -29.47 -16.54 9.68
CA ALA A 168 -29.26 -17.47 8.58
C ALA A 168 -27.80 -17.72 8.18
N PHE A 169 -26.92 -16.74 8.40
CA PHE A 169 -25.54 -16.86 7.91
C PHE A 169 -24.48 -16.73 8.98
N ASP A 170 -23.43 -17.54 8.85
CA ASP A 170 -22.22 -17.42 9.68
C ASP A 170 -21.37 -16.24 9.24
N VAL A 171 -21.32 -16.00 7.94
CA VAL A 171 -20.49 -14.93 7.43
C VAL A 171 -21.19 -14.27 6.26
N ILE A 172 -21.15 -12.95 6.23
CA ILE A 172 -21.66 -12.18 5.11
C ILE A 172 -20.54 -11.29 4.61
N ILE A 173 -20.34 -11.28 3.30
CA ILE A 173 -19.35 -10.44 2.68
C ILE A 173 -20.02 -9.55 1.68
N THR A 174 -19.75 -8.25 1.75
CA THR A 174 -20.27 -7.34 0.75
C THR A 174 -19.16 -6.86 -0.17
N ASP A 175 -19.26 -7.24 -1.43
CA ASP A 175 -18.26 -6.92 -2.46
C ASP A 175 -18.88 -5.93 -3.44
N SER A 176 -18.90 -4.66 -3.06
CA SER A 176 -19.72 -3.64 -3.71
C SER A 176 -19.05 -2.88 -4.86
N GLY A 181 -23.76 4.37 -7.89
CA GLY A 181 -24.53 3.65 -8.88
C GLY A 181 -25.63 2.79 -8.25
N PRO A 182 -25.65 1.49 -8.58
CA PRO A 182 -26.55 0.48 -8.00
C PRO A 182 -26.14 0.03 -6.61
N ALA A 183 -24.88 0.23 -6.25
CA ALA A 183 -24.39 -0.12 -4.93
C ALA A 183 -24.93 0.87 -3.90
N GLU A 184 -25.74 1.81 -4.38
CA GLU A 184 -26.23 2.88 -3.52
C GLU A 184 -27.04 2.33 -2.37
N SER A 185 -27.96 1.41 -2.67
CA SER A 185 -28.79 0.83 -1.63
C SER A 185 -27.94 0.19 -0.53
N LEU A 186 -26.70 -0.14 -0.87
CA LEU A 186 -25.80 -0.82 0.06
C LEU A 186 -25.11 0.17 1.01
N PHE A 187 -25.29 1.46 0.77
CA PHE A 187 -24.67 2.49 1.61
C PHE A 187 -25.67 3.18 2.54
N LYS A 188 -26.88 2.63 2.63
CA LYS A 188 -27.84 3.10 3.62
C LYS A 188 -27.48 2.50 4.98
N GLU A 189 -27.71 3.26 6.04
CA GLU A 189 -27.22 2.87 7.36
C GLU A 189 -27.94 1.66 7.95
N SER A 190 -29.17 1.41 7.51
CA SER A 190 -29.90 0.25 7.98
C SER A 190 -29.34 -1.05 7.39
N TYR A 191 -28.58 -0.94 6.31
CA TYR A 191 -27.96 -2.14 5.74
C TYR A 191 -27.12 -2.88 6.78
N TYR A 192 -26.32 -2.15 7.54
CA TYR A 192 -25.57 -2.82 8.61
C TYR A 192 -26.47 -3.52 9.61
N GLN A 193 -27.56 -2.86 10.00
CA GLN A 193 -28.52 -3.49 10.91
C GLN A 193 -29.21 -4.70 10.25
N LEU A 194 -29.56 -4.55 8.98
CA LEU A 194 -30.11 -5.68 8.23
C LEU A 194 -29.15 -6.87 8.22
N MET A 195 -27.87 -6.59 8.01
CA MET A 195 -26.85 -7.63 8.08
C MET A 195 -26.74 -8.28 9.46
N LYS A 196 -26.82 -7.50 10.52
CA LYS A 196 -26.77 -8.02 11.88
C LYS A 196 -27.89 -9.01 12.11
N THR A 197 -29.08 -8.69 11.58
CA THR A 197 -30.25 -9.54 11.72
C THR A 197 -30.09 -10.86 10.98
N ALA A 198 -29.61 -10.77 9.75
CA ALA A 198 -29.42 -11.95 8.88
C ALA A 198 -28.35 -12.90 9.39
N LEU A 199 -27.45 -12.39 10.21
CA LEU A 199 -26.35 -13.19 10.74
C LEU A 199 -26.86 -14.11 11.86
N LYS A 200 -26.24 -15.26 12.00
CA LYS A 200 -26.43 -16.08 13.19
C LYS A 200 -25.92 -15.38 14.46
N GLU A 201 -26.15 -15.98 15.63
CA GLU A 201 -25.88 -15.28 16.88
C GLU A 201 -24.41 -14.94 17.09
N ASP A 202 -23.52 -15.71 16.46
CA ASP A 202 -22.09 -15.46 16.57
C ASP A 202 -21.50 -15.15 15.19
N GLY A 203 -22.32 -14.66 14.28
CA GLY A 203 -21.88 -14.39 12.92
C GLY A 203 -20.91 -13.23 12.81
N VAL A 204 -20.16 -13.19 11.72
CA VAL A 204 -19.28 -12.07 11.44
C VAL A 204 -19.51 -11.53 10.02
N LEU A 205 -19.11 -10.29 9.77
CA LEU A 205 -19.26 -9.74 8.42
C LEU A 205 -18.04 -8.96 7.98
N CYS A 206 -17.91 -8.80 6.67
CA CYS A 206 -16.83 -8.02 6.10
C CYS A 206 -17.31 -7.19 4.90
N CYS A 207 -17.07 -5.89 4.96
CA CYS A 207 -17.48 -4.96 3.92
C CYS A 207 -16.30 -4.13 3.47
N GLN A 208 -16.32 -3.74 2.19
CA GLN A 208 -15.35 -2.78 1.68
C GLN A 208 -15.42 -1.53 2.55
N GLY A 209 -14.27 -1.05 3.02
CA GLY A 209 -14.25 -0.06 4.09
C GLY A 209 -13.49 1.25 3.92
N GLU A 210 -13.37 1.73 2.69
CA GLU A 210 -12.72 3.02 2.40
C GLU A 210 -11.20 2.99 2.53
N CYS A 211 -10.54 3.86 1.76
CA CYS A 211 -9.09 4.02 1.80
C CYS A 211 -8.66 5.00 2.89
N GLN A 212 -7.78 4.57 3.79
CA GLN A 212 -7.39 5.41 4.93
C GLN A 212 -6.54 6.63 4.50
N TRP A 213 -6.03 6.61 3.28
CA TRP A 213 -5.34 7.77 2.74
C TRP A 213 -6.29 8.76 2.08
N LEU A 214 -7.52 8.33 1.78
CA LEU A 214 -8.49 9.18 1.08
C LEU A 214 -9.67 9.64 1.94
N HIS A 215 -10.19 8.75 2.77
CA HIS A 215 -11.42 9.06 3.51
C HIS A 215 -11.37 8.59 4.95
N LEU A 216 -10.33 9.01 5.66
CA LEU A 216 -10.17 8.66 7.06
C LEU A 216 -11.36 9.15 7.89
N ASP A 217 -11.91 10.31 7.53
CA ASP A 217 -13.08 10.84 8.24
C ASP A 217 -14.26 9.89 8.18
N LEU A 218 -14.43 9.24 7.03
CA LEU A 218 -15.59 8.37 6.83
C LEU A 218 -15.38 7.05 7.55
N ILE A 219 -14.14 6.64 7.68
CA ILE A 219 -13.84 5.37 8.35
C ILE A 219 -14.13 5.54 9.84
N LYS A 220 -13.77 6.71 10.36
CA LYS A 220 -14.05 7.04 11.76
C LYS A 220 -15.56 7.02 12.09
N GLU A 221 -16.38 7.64 11.23
CA GLU A 221 -17.83 7.62 11.41
C GLU A 221 -18.42 6.21 11.31
N MET A 222 -18.03 5.50 10.26
CA MET A 222 -18.54 4.15 10.04
C MET A 222 -18.24 3.27 11.25
N ARG A 223 -17.05 3.43 11.81
CA ARG A 223 -16.62 2.65 12.97
C ARG A 223 -17.42 2.96 14.24
N GLN A 224 -17.78 4.23 14.41
CA GLN A 224 -18.56 4.64 15.58
C GLN A 224 -19.98 4.13 15.43
N PHE A 225 -20.47 4.12 14.20
CA PHE A 225 -21.80 3.61 13.95
C PHE A 225 -21.87 2.10 14.19
N CYS A 226 -20.91 1.37 13.64
CA CYS A 226 -20.89 -0.09 13.79
C CYS A 226 -20.71 -0.53 15.25
N GLN A 227 -19.88 0.20 15.99
CA GLN A 227 -19.62 -0.11 17.40
C GLN A 227 -20.87 0.02 18.22
N SER A 228 -21.80 0.82 17.73
CA SER A 228 -23.08 0.99 18.43
C SER A 228 -24.04 -0.17 18.16
N LEU A 229 -23.72 -0.99 17.14
CA LEU A 229 -24.53 -2.16 16.77
C LEU A 229 -23.88 -3.51 17.13
N PHE A 230 -22.55 -3.54 17.15
CA PHE A 230 -21.78 -4.78 17.34
C PHE A 230 -20.79 -4.70 18.50
N PRO A 231 -20.61 -5.79 19.23
CA PRO A 231 -19.65 -5.72 20.34
C PRO A 231 -18.19 -5.67 19.87
N VAL A 232 -17.92 -6.12 18.65
CA VAL A 232 -16.55 -6.13 18.14
C VAL A 232 -16.51 -5.55 16.74
N VAL A 233 -15.75 -4.49 16.57
CA VAL A 233 -15.61 -3.84 15.27
C VAL A 233 -14.11 -3.64 15.01
N ALA A 234 -13.66 -3.81 13.77
CA ALA A 234 -12.26 -3.60 13.44
C ALA A 234 -12.09 -3.08 12.00
N TYR A 235 -10.93 -2.52 11.71
CA TYR A 235 -10.62 -2.06 10.35
C TYR A 235 -9.31 -2.65 9.89
N ALA A 236 -9.29 -3.17 8.67
CA ALA A 236 -8.05 -3.72 8.10
C ALA A 236 -7.88 -3.25 6.65
N TYR A 237 -6.69 -3.44 6.09
CA TYR A 237 -6.43 -2.96 4.75
C TYR A 237 -5.42 -3.85 4.04
N CYS A 238 -5.41 -3.75 2.71
CA CYS A 238 -4.48 -4.51 1.89
C CYS A 238 -4.06 -3.60 0.76
N THR A 239 -2.95 -3.92 0.12
CA THR A 239 -2.48 -3.14 -1.00
C THR A 239 -2.96 -3.73 -2.33
N ILE A 240 -3.11 -2.84 -3.31
CA ILE A 240 -3.61 -3.21 -4.60
C ILE A 240 -3.42 -1.98 -5.47
N PRO A 241 -2.44 -2.05 -6.39
CA PRO A 241 -2.01 -0.93 -7.23
C PRO A 241 -3.14 -0.23 -7.97
N THR A 242 -4.19 -0.95 -8.36
CA THR A 242 -5.15 -0.33 -9.27
C THR A 242 -6.40 0.22 -8.60
N TYR A 243 -6.43 0.22 -7.27
CA TYR A 243 -7.47 0.96 -6.56
C TYR A 243 -6.89 2.32 -6.16
N PRO A 244 -7.73 3.35 -6.11
CA PRO A 244 -7.20 4.69 -5.84
C PRO A 244 -6.27 4.69 -4.63
N SER A 245 -5.12 5.34 -4.79
CA SER A 245 -4.11 5.42 -3.75
C SER A 245 -3.39 4.10 -3.43
N GLY A 246 -3.74 3.03 -4.14
CA GLY A 246 -2.96 1.80 -4.09
C GLY A 246 -3.29 0.85 -2.96
N GLN A 247 -4.42 1.07 -2.32
CA GLN A 247 -4.84 0.24 -1.21
C GLN A 247 -6.32 0.45 -0.91
N ILE A 248 -6.90 -0.45 -0.13
CA ILE A 248 -8.31 -0.40 0.22
C ILE A 248 -8.49 -1.03 1.59
N GLY A 249 -9.50 -0.60 2.32
CA GLY A 249 -9.73 -1.13 3.65
C GLY A 249 -10.98 -1.99 3.76
N PHE A 250 -11.07 -2.69 4.88
CA PHE A 250 -12.17 -3.56 5.17
C PHE A 250 -12.74 -3.25 6.54
N MET A 251 -14.06 -3.18 6.62
CA MET A 251 -14.74 -3.05 7.89
C MET A 251 -15.15 -4.46 8.33
N LEU A 252 -14.76 -4.85 9.54
CA LEU A 252 -15.13 -6.14 10.08
C LEU A 252 -15.97 -5.95 11.35
N CYS A 253 -17.11 -6.63 11.43
CA CYS A 253 -17.92 -6.61 12.65
C CYS A 253 -18.28 -8.02 13.08
N SER A 254 -18.34 -8.26 14.38
CA SER A 254 -18.78 -9.54 14.90
C SER A 254 -19.83 -9.38 15.96
N LYS A 255 -20.82 -10.27 15.95
CA LYS A 255 -21.85 -10.31 16.99
C LYS A 255 -21.36 -11.17 18.15
N ASN A 256 -20.25 -11.85 17.95
CA ASN A 256 -19.59 -12.61 19.00
C ASN A 256 -18.61 -11.70 19.77
N PRO A 257 -18.94 -11.39 21.04
CA PRO A 257 -18.12 -10.42 21.79
C PRO A 257 -16.70 -10.91 22.10
N SER A 258 -16.42 -12.20 21.92
CA SER A 258 -15.08 -12.74 22.08
C SER A 258 -14.24 -12.78 20.81
N THR A 259 -14.83 -12.43 19.67
CA THR A 259 -14.05 -12.43 18.43
C THR A 259 -12.86 -11.50 18.54
N ASN A 260 -11.69 -12.00 18.17
CA ASN A 260 -10.49 -11.18 18.05
C ASN A 260 -10.10 -11.15 16.58
N PHE A 261 -10.49 -10.11 15.85
CA PHE A 261 -10.20 -10.08 14.41
C PHE A 261 -8.68 -10.04 14.13
N GLN A 262 -7.92 -9.45 15.04
CA GLN A 262 -6.48 -9.24 14.80
C GLN A 262 -5.67 -10.55 14.82
N GLU A 263 -6.11 -11.52 15.61
CA GLU A 263 -5.44 -12.81 15.69
C GLU A 263 -6.39 -13.90 15.20
N PRO A 264 -6.11 -14.50 14.03
CA PRO A 264 -7.05 -15.42 13.39
C PRO A 264 -7.39 -16.60 14.29
N VAL A 265 -8.67 -16.86 14.51
CA VAL A 265 -9.07 -18.04 15.26
C VAL A 265 -8.79 -19.29 14.43
N GLN A 266 -8.74 -19.14 13.10
CA GLN A 266 -8.33 -20.23 12.21
C GLN A 266 -7.04 -19.90 11.48
N PRO A 267 -5.89 -20.14 12.11
CA PRO A 267 -4.61 -19.94 11.42
C PRO A 267 -4.42 -20.98 10.32
N LEU A 268 -3.83 -20.59 9.20
CA LEU A 268 -3.58 -21.54 8.12
C LEU A 268 -2.13 -22.02 8.17
N THR A 269 -1.93 -23.32 7.98
CA THR A 269 -0.57 -23.84 7.91
C THR A 269 -0.02 -23.47 6.54
N GLN A 270 1.28 -23.59 6.35
CA GLN A 270 1.89 -23.34 5.05
C GLN A 270 1.34 -24.29 4.00
N GLN A 271 1.10 -25.54 4.40
CA GLN A 271 0.45 -26.53 3.53
C GLN A 271 -0.88 -26.02 2.99
N GLN A 272 -1.71 -25.48 3.89
CA GLN A 272 -3.00 -24.97 3.45
C GLN A 272 -2.84 -23.81 2.49
N VAL A 273 -1.99 -22.85 2.83
CA VAL A 273 -1.79 -21.69 1.96
C VAL A 273 -1.39 -22.15 0.55
N ALA A 274 -0.54 -23.18 0.50
CA ALA A 274 -0.06 -23.75 -0.75
C ALA A 274 -1.18 -24.49 -1.49
N GLN A 275 -1.93 -25.30 -0.75
CA GLN A 275 -3.06 -26.03 -1.30
C GLN A 275 -4.12 -25.09 -1.89
N MET A 276 -4.35 -23.96 -1.20
CA MET A 276 -5.39 -23.02 -1.62
C MET A 276 -4.88 -22.08 -2.71
N GLN A 277 -3.57 -22.13 -2.97
CA GLN A 277 -2.94 -21.38 -4.06
C GLN A 277 -3.03 -19.87 -3.81
N LEU A 278 -2.96 -19.50 -2.55
CA LEU A 278 -3.00 -18.10 -2.16
C LEU A 278 -1.78 -17.35 -2.64
N LYS A 279 -1.98 -16.13 -3.11
CA LYS A 279 -0.86 -15.31 -3.54
C LYS A 279 -0.70 -14.02 -2.72
N TYR A 280 -1.62 -13.75 -1.80
CA TYR A 280 -1.48 -12.58 -0.94
C TYR A 280 -1.62 -12.97 0.52
N TYR A 281 -2.72 -13.64 0.84
CA TYR A 281 -3.11 -13.87 2.22
C TYR A 281 -2.32 -14.98 2.88
N ASN A 282 -1.97 -14.76 4.14
CA ASN A 282 -1.57 -15.84 5.03
C ASN A 282 -1.81 -15.35 6.45
N SER A 283 -1.53 -16.18 7.46
CA SER A 283 -1.87 -15.79 8.82
C SER A 283 -1.08 -14.59 9.37
N ASP A 284 0.15 -14.40 8.91
CA ASP A 284 0.93 -13.21 9.31
C ASP A 284 0.44 -11.95 8.61
N VAL A 285 0.12 -12.07 7.32
CA VAL A 285 -0.53 -10.99 6.61
C VAL A 285 -1.84 -10.61 7.31
N HIS A 286 -2.59 -11.61 7.74
CA HIS A 286 -3.86 -11.37 8.44
C HIS A 286 -3.61 -10.41 9.60
N ARG A 287 -2.69 -10.79 10.49
CA ARG A 287 -2.35 -9.96 11.66
C ARG A 287 -1.82 -8.58 11.29
N ALA A 288 -0.95 -8.49 10.29
CA ALA A 288 -0.37 -7.21 9.93
C ALA A 288 -1.37 -6.25 9.33
N ALA A 289 -2.40 -6.81 8.70
CA ALA A 289 -3.40 -6.00 8.01
C ALA A 289 -4.15 -5.03 8.93
N PHE A 290 -4.14 -5.30 10.23
CA PHE A 290 -4.80 -4.43 11.22
C PHE A 290 -3.86 -3.38 11.83
N VAL A 291 -2.58 -3.47 11.50
CA VAL A 291 -1.57 -2.52 11.97
C VAL A 291 -1.56 -1.29 11.07
N LEU A 292 -2.06 -0.18 11.57
CA LEU A 292 -2.25 1.00 10.73
C LEU A 292 -1.18 2.06 10.91
N PRO A 293 -0.97 2.90 9.89
CA PRO A 293 -0.05 4.03 10.05
C PRO A 293 -0.50 4.89 11.24
N GLU A 294 0.42 5.52 11.93
CA GLU A 294 0.09 6.28 13.15
C GLU A 294 -1.08 7.26 12.99
N PHE A 295 -1.17 7.93 11.83
CA PHE A 295 -2.22 8.94 11.67
C PHE A 295 -3.61 8.31 11.69
N ALA A 296 -3.70 7.08 11.19
CA ALA A 296 -4.96 6.37 11.13
C ALA A 296 -5.24 5.66 12.44
N ARG A 297 -4.20 5.09 13.05
CA ARG A 297 -4.33 4.48 14.37
C ARG A 297 -4.84 5.50 15.37
N LYS A 298 -4.26 6.70 15.33
CA LYS A 298 -4.66 7.79 16.22
C LYS A 298 -6.13 8.18 16.03
N ALA A 299 -6.53 8.37 14.77
CA ALA A 299 -7.89 8.78 14.43
C ALA A 299 -8.95 7.78 14.85
N LEU A 300 -8.65 6.48 14.74
CA LEU A 300 -9.63 5.44 15.06
C LEU A 300 -9.61 5.02 16.52
N ASN A 301 -8.56 5.39 17.26
CA ASN A 301 -8.40 4.89 18.62
C ASN A 301 -8.35 5.96 19.70
N ASP A 302 -8.13 7.21 19.32
CA ASP A 302 -8.09 8.30 20.30
C ASP A 302 -9.48 8.80 20.63
N ALA B 17 4.59 18.24 -20.94
CA ALA B 17 4.91 18.68 -19.59
C ALA B 17 3.65 18.61 -18.77
N ILE B 18 2.94 19.73 -18.69
CA ILE B 18 1.58 19.74 -18.18
C ILE B 18 0.62 19.70 -19.37
N ARG B 19 -0.27 18.71 -19.37
CA ARG B 19 -1.31 18.62 -20.37
C ARG B 19 -2.68 18.96 -19.77
N GLU B 20 -3.32 20.02 -20.28
CA GLU B 20 -4.70 20.32 -19.90
C GLU B 20 -4.93 20.26 -18.39
N GLY B 21 -4.06 20.94 -17.63
CA GLY B 21 -4.22 21.04 -16.19
C GLY B 21 -3.74 19.86 -15.37
N TRP B 22 -3.16 18.86 -16.04
CA TRP B 22 -2.74 17.63 -15.37
C TRP B 22 -1.29 17.30 -15.69
N PHE B 23 -0.52 16.89 -14.69
CA PHE B 23 0.81 16.35 -14.91
C PHE B 23 0.77 14.83 -14.80
N ARG B 24 1.16 14.13 -15.87
CA ARG B 24 1.14 12.68 -15.86
C ARG B 24 2.55 12.10 -15.77
N GLU B 25 2.72 11.13 -14.89
CA GLU B 25 4.04 10.53 -14.66
C GLU B 25 4.12 9.20 -15.40
N THR B 26 5.02 9.12 -16.38
CA THR B 26 5.27 7.87 -17.10
C THR B 26 6.75 7.54 -17.05
N CYS B 27 7.05 6.25 -17.02
CA CYS B 27 8.42 5.77 -17.00
C CYS B 27 8.47 4.32 -17.45
N SER B 28 9.53 3.96 -18.18
CA SER B 28 9.65 2.63 -18.75
C SER B 28 9.80 1.55 -17.65
N LEU B 29 10.15 1.99 -16.44
CA LEU B 29 10.27 1.03 -15.34
C LEU B 29 8.92 0.65 -14.75
N TRP B 30 7.85 1.32 -15.16
CA TRP B 30 6.49 0.88 -14.83
C TRP B 30 5.55 1.07 -16.02
N PRO B 31 5.77 0.26 -17.07
CA PRO B 31 5.11 0.44 -18.36
C PRO B 31 3.63 0.15 -18.26
N GLY B 32 2.82 0.88 -19.02
CA GLY B 32 1.41 0.58 -19.11
C GLY B 32 0.57 1.16 -17.99
N GLN B 33 1.21 1.89 -17.08
CA GLN B 33 0.49 2.57 -16.00
C GLN B 33 1.03 3.97 -15.79
N ALA B 34 0.24 4.82 -15.14
CA ALA B 34 0.64 6.22 -14.94
C ALA B 34 -0.25 6.86 -13.88
N LEU B 35 0.38 7.60 -12.98
CA LEU B 35 -0.33 8.51 -12.10
C LEU B 35 -0.32 9.90 -12.70
N SER B 36 -1.48 10.57 -12.71
CA SER B 36 -1.53 12.00 -13.04
C SER B 36 -1.99 12.81 -11.82
N LEU B 37 -1.40 13.98 -11.63
CA LEU B 37 -1.86 14.88 -10.59
C LEU B 37 -2.36 16.19 -11.22
N GLN B 38 -3.56 16.61 -10.85
CA GLN B 38 -4.10 17.86 -11.36
C GLN B 38 -3.27 19.04 -10.87
N VAL B 39 -2.99 19.97 -11.76
CA VAL B 39 -2.14 21.12 -11.44
C VAL B 39 -2.91 22.43 -11.20
N GLU B 40 -2.58 23.12 -10.10
CA GLU B 40 -3.17 24.45 -9.83
C GLU B 40 -2.28 25.59 -10.28
N GLN B 41 -0.96 25.40 -10.23
CA GLN B 41 0.00 26.47 -10.55
C GLN B 41 1.43 25.91 -10.77
N LEU B 42 1.97 26.14 -11.96
CA LEU B 42 3.38 25.89 -12.23
C LEU B 42 4.21 26.87 -11.42
N LEU B 43 5.14 26.36 -10.60
CA LEU B 43 5.94 27.20 -9.71
C LEU B 43 7.38 27.38 -10.17
N HIS B 44 7.90 26.39 -10.89
CA HIS B 44 9.33 26.33 -11.23
C HIS B 44 9.63 25.24 -12.25
N HIS B 45 10.59 25.49 -13.15
CA HIS B 45 10.95 24.51 -14.18
C HIS B 45 12.28 24.83 -14.84
N ARG B 46 13.39 24.39 -14.22
CA ARG B 46 14.73 24.64 -14.74
C ARG B 46 15.60 23.39 -14.75
N ARG B 47 16.55 23.35 -15.69
CA ARG B 47 17.56 22.29 -15.79
C ARG B 47 18.81 22.69 -15.03
N SER B 48 19.22 21.88 -14.07
CA SER B 48 20.46 22.12 -13.33
C SER B 48 21.58 21.42 -14.08
N ARG B 49 22.78 21.36 -13.49
CA ARG B 49 23.88 20.65 -14.14
C ARG B 49 23.51 19.19 -14.31
N TYR B 50 22.58 18.72 -13.47
CA TYR B 50 22.38 17.28 -13.34
C TYR B 50 21.04 16.73 -13.79
N GLN B 51 19.96 17.50 -13.57
CA GLN B 51 18.63 16.96 -13.83
C GLN B 51 17.64 18.05 -14.17
N ASP B 52 16.52 17.66 -14.76
CA ASP B 52 15.40 18.56 -14.98
C ASP B 52 14.59 18.68 -13.69
N ILE B 53 14.40 19.91 -13.21
CA ILE B 53 13.70 20.15 -11.97
C ILE B 53 12.38 20.87 -12.18
N LEU B 54 11.29 20.21 -11.81
CA LEU B 54 9.97 20.78 -11.98
C LEU B 54 9.20 20.75 -10.68
N VAL B 55 8.72 21.93 -10.26
CA VAL B 55 7.85 22.04 -9.09
C VAL B 55 6.51 22.65 -9.49
N PHE B 56 5.42 22.08 -8.97
CA PHE B 56 4.10 22.68 -9.11
C PHE B 56 3.29 22.57 -7.83
N ARG B 57 2.33 23.48 -7.68
CA ARG B 57 1.30 23.33 -6.67
C ARG B 57 0.15 22.51 -7.28
N SER B 58 -0.11 21.35 -6.69
CA SER B 58 -1.14 20.46 -7.21
C SER B 58 -2.44 20.84 -6.54
N LYS B 59 -3.54 20.38 -7.09
CA LYS B 59 -4.85 20.67 -6.54
C LYS B 59 -5.01 20.02 -5.16
N THR B 60 -4.58 18.77 -5.00
CA THR B 60 -4.83 18.07 -3.73
C THR B 60 -3.66 17.45 -2.96
N TYR B 61 -2.43 17.60 -3.45
CA TYR B 61 -1.26 17.03 -2.78
C TYR B 61 -0.23 18.06 -2.31
N GLY B 62 -0.62 19.33 -2.31
CA GLY B 62 0.28 20.39 -1.89
C GLY B 62 1.34 20.62 -2.96
N ASN B 63 2.54 21.01 -2.55
CA ASN B 63 3.59 21.20 -3.52
C ASN B 63 4.18 19.85 -3.97
N VAL B 64 4.55 19.78 -5.24
CA VAL B 64 5.05 18.55 -5.82
C VAL B 64 6.40 18.77 -6.49
N LEU B 65 7.39 17.98 -6.11
CA LEU B 65 8.73 18.03 -6.69
C LEU B 65 8.96 16.86 -7.66
N VAL B 66 9.25 17.21 -8.91
CA VAL B 66 9.47 16.24 -9.97
C VAL B 66 10.89 16.36 -10.53
N LEU B 67 11.62 15.25 -10.57
CA LEU B 67 12.99 15.22 -11.10
C LEU B 67 13.14 14.29 -12.30
N ASP B 68 13.53 14.86 -13.44
CA ASP B 68 13.58 14.11 -14.70
C ASP B 68 12.24 13.41 -14.97
N GLY B 69 11.14 14.07 -14.63
CA GLY B 69 9.82 13.55 -14.94
C GLY B 69 9.30 12.47 -13.99
N VAL B 70 10.05 12.21 -12.93
CA VAL B 70 9.58 11.30 -11.89
C VAL B 70 9.20 12.08 -10.62
N ILE B 71 8.00 11.84 -10.10
CA ILE B 71 7.58 12.43 -8.84
C ILE B 71 8.47 11.90 -7.72
N GLN B 72 9.13 12.82 -7.04
CA GLN B 72 10.06 12.46 -5.98
C GLN B 72 9.49 12.79 -4.60
N CYS B 73 8.67 13.84 -4.52
CA CYS B 73 7.86 14.01 -3.32
C CYS B 73 6.70 15.00 -3.43
N THR B 74 5.71 14.82 -2.57
CA THR B 74 4.60 15.77 -2.45
C THR B 74 4.46 16.12 -0.98
N GLU B 75 3.98 17.33 -0.68
CA GLU B 75 3.83 17.74 0.70
C GLU B 75 2.80 16.89 1.46
N ARG B 76 1.77 16.41 0.76
CA ARG B 76 0.73 15.63 1.43
C ARG B 76 1.18 14.26 1.96
N ASP B 77 2.04 13.54 1.23
CA ASP B 77 2.35 12.17 1.64
C ASP B 77 3.84 11.82 1.86
N GLU B 78 4.73 12.81 1.82
CA GLU B 78 6.16 12.54 1.97
C GLU B 78 6.54 11.99 3.34
N PHE B 79 5.69 12.26 4.33
CA PHE B 79 6.00 11.86 5.69
C PHE B 79 6.12 10.35 5.88
N SER B 80 5.42 9.56 5.07
CA SER B 80 5.53 8.11 5.24
C SER B 80 6.91 7.60 4.83
N TYR B 81 7.34 7.91 3.61
CA TYR B 81 8.66 7.48 3.13
C TYR B 81 9.80 8.06 3.99
N GLN B 82 9.71 9.36 4.28
CA GLN B 82 10.75 10.05 5.06
C GLN B 82 10.89 9.41 6.45
N GLU B 83 9.78 9.23 7.14
CA GLU B 83 9.82 8.65 8.49
C GLU B 83 10.32 7.19 8.49
N MET B 84 9.99 6.44 7.45
CA MET B 84 10.29 5.01 7.50
C MET B 84 11.75 4.76 7.15
N ILE B 85 12.20 5.45 6.11
CA ILE B 85 13.58 5.27 5.68
C ILE B 85 14.53 5.74 6.78
N ALA B 86 14.09 6.69 7.60
CA ALA B 86 14.93 7.16 8.71
C ALA B 86 14.84 6.24 9.94
N ASN B 87 13.62 5.90 10.34
CA ASN B 87 13.40 5.20 11.59
C ASN B 87 13.59 3.69 11.51
N LEU B 88 13.42 3.13 10.32
CA LEU B 88 13.70 1.71 10.16
C LEU B 88 15.12 1.35 10.58
N PRO B 89 16.13 2.03 10.00
CA PRO B 89 17.51 1.74 10.43
C PRO B 89 17.85 2.30 11.82
N LEU B 90 17.39 3.50 12.15
CA LEU B 90 17.81 4.10 13.42
C LEU B 90 17.28 3.32 14.63
N CYS B 91 16.04 2.84 14.55
CA CYS B 91 15.48 2.07 15.66
C CYS B 91 15.92 0.62 15.65
N SER B 92 16.68 0.23 14.63
CA SER B 92 17.26 -1.11 14.55
C SER B 92 18.71 -1.10 15.01
N HIS B 93 19.18 0.06 15.45
CA HIS B 93 20.53 0.21 15.98
C HIS B 93 20.43 0.64 17.44
N PRO B 94 21.21 0.00 18.31
CA PRO B 94 21.19 0.28 19.76
C PRO B 94 21.57 1.71 20.14
N ASN B 95 22.52 2.31 19.44
CA ASN B 95 22.98 3.65 19.79
C ASN B 95 23.55 4.41 18.58
N PRO B 96 22.66 4.87 17.69
CA PRO B 96 23.12 5.50 16.45
C PRO B 96 23.59 6.90 16.77
N ARG B 97 24.86 7.19 16.61
CA ARG B 97 25.33 8.52 16.94
C ARG B 97 25.84 9.28 15.72
N LYS B 98 26.48 8.57 14.81
CA LYS B 98 26.95 9.21 13.59
C LYS B 98 26.22 8.63 12.38
N VAL B 99 25.63 9.50 11.58
CA VAL B 99 24.72 9.08 10.54
C VAL B 99 25.12 9.76 9.23
N LEU B 100 25.07 9.00 8.14
CA LEU B 100 25.30 9.51 6.80
C LEU B 100 24.04 9.41 5.97
N ILE B 101 23.68 10.49 5.29
CA ILE B 101 22.60 10.43 4.33
C ILE B 101 23.13 10.73 2.95
N ILE B 102 22.87 9.83 2.02
CA ILE B 102 23.22 10.05 0.62
C ILE B 102 22.01 10.52 -0.16
N GLY B 103 22.14 11.65 -0.83
CA GLY B 103 21.00 12.22 -1.53
C GLY B 103 20.15 13.05 -0.57
N GLY B 104 18.84 12.88 -0.63
CA GLY B 104 17.97 13.61 0.27
C GLY B 104 18.14 15.12 0.22
N GLY B 105 18.09 15.67 -0.99
CA GLY B 105 18.27 17.10 -1.17
C GLY B 105 17.14 17.93 -0.58
N ASP B 106 15.94 17.35 -0.51
CA ASP B 106 14.79 18.13 -0.02
C ASP B 106 14.85 18.43 1.47
N GLY B 107 15.67 17.68 2.21
CA GLY B 107 15.84 17.94 3.64
C GLY B 107 15.01 17.06 4.56
N GLY B 108 14.06 16.33 3.97
CA GLY B 108 13.07 15.61 4.75
C GLY B 108 13.63 14.48 5.60
N VAL B 109 14.58 13.73 5.04
CA VAL B 109 15.15 12.61 5.78
C VAL B 109 15.95 13.12 6.96
N LEU B 110 16.71 14.20 6.72
CA LEU B 110 17.48 14.89 7.74
C LEU B 110 16.56 15.33 8.87
N ARG B 111 15.44 15.93 8.47
CA ARG B 111 14.40 16.32 9.41
C ARG B 111 14.08 15.16 10.36
N GLU B 112 13.81 13.99 9.82
CA GLU B 112 13.47 12.87 10.68
C GLU B 112 14.65 12.33 11.50
N VAL B 113 15.84 12.27 10.90
CA VAL B 113 17.01 11.74 11.62
C VAL B 113 17.40 12.56 12.85
N VAL B 114 17.39 13.89 12.72
CA VAL B 114 17.86 14.73 13.84
C VAL B 114 16.95 14.74 15.08
N LYS B 115 15.76 14.16 14.96
CA LYS B 115 14.81 14.07 16.07
C LYS B 115 15.33 13.10 17.12
N HIS B 116 16.27 12.26 16.74
CA HIS B 116 16.83 11.28 17.65
C HIS B 116 17.90 11.93 18.51
N PRO B 117 17.72 11.90 19.84
CA PRO B 117 18.69 12.43 20.81
C PRO B 117 20.08 11.80 20.69
N SER B 118 20.15 10.51 20.38
CA SER B 118 21.43 9.81 20.32
C SER B 118 22.30 10.30 19.16
N VAL B 119 21.66 10.91 18.17
CA VAL B 119 22.39 11.33 16.98
C VAL B 119 23.11 12.66 17.23
N GLU B 120 24.43 12.63 17.16
CA GLU B 120 25.23 13.83 17.42
C GLU B 120 25.58 14.52 16.12
N SER B 121 25.78 13.72 15.08
CA SER B 121 26.24 14.24 13.81
C SER B 121 25.57 13.54 12.66
N VAL B 122 25.18 14.33 11.66
CA VAL B 122 24.60 13.78 10.46
C VAL B 122 25.34 14.41 9.32
N VAL B 123 25.94 13.59 8.48
CA VAL B 123 26.57 14.10 7.26
C VAL B 123 25.63 13.84 6.10
N GLN B 124 25.44 14.83 5.24
CA GLN B 124 24.60 14.63 4.06
C GLN B 124 25.35 14.93 2.78
N CYS B 125 25.39 13.97 1.87
CA CYS B 125 26.06 14.17 0.60
C CYS B 125 25.06 14.23 -0.52
N GLU B 126 24.84 15.43 -1.04
CA GLU B 126 23.84 15.65 -2.09
C GLU B 126 24.56 16.22 -3.29
N ILE B 127 24.19 15.77 -4.48
CA ILE B 127 24.98 16.08 -5.66
C ILE B 127 24.59 17.40 -6.31
N ASP B 128 23.33 17.80 -6.15
CA ASP B 128 22.79 18.95 -6.86
C ASP B 128 22.35 20.08 -5.92
N GLU B 129 23.15 21.14 -5.87
CA GLU B 129 22.89 22.28 -4.99
C GLU B 129 21.54 22.94 -5.28
N ASP B 130 21.13 22.86 -6.53
CA ASP B 130 19.87 23.46 -6.96
C ASP B 130 18.63 22.80 -6.35
N VAL B 131 18.65 21.47 -6.25
CA VAL B 131 17.58 20.77 -5.55
C VAL B 131 17.47 21.33 -4.14
N ILE B 132 18.63 21.56 -3.51
CA ILE B 132 18.62 22.13 -2.19
C ILE B 132 17.97 23.51 -2.15
N GLN B 133 18.23 24.34 -3.16
CA GLN B 133 17.70 25.69 -3.22
C GLN B 133 16.19 25.72 -3.47
N VAL B 134 15.74 24.86 -4.37
CA VAL B 134 14.32 24.76 -4.68
C VAL B 134 13.47 24.27 -3.51
N SER B 135 13.98 23.27 -2.78
CA SER B 135 13.29 22.70 -1.64
C SER B 135 13.16 23.71 -0.52
N LYS B 136 14.23 24.45 -0.27
CA LYS B 136 14.22 25.48 0.76
C LYS B 136 13.10 26.49 0.51
N LYS B 137 12.83 26.76 -0.77
CA LYS B 137 11.76 27.68 -1.12
C LYS B 137 10.38 27.01 -1.21
N PHE B 138 10.32 25.85 -1.86
CA PHE B 138 9.04 25.27 -2.20
C PHE B 138 8.61 24.06 -1.34
N LEU B 139 9.51 23.61 -0.46
CA LEU B 139 9.21 22.46 0.40
C LEU B 139 9.67 22.76 1.82
N PRO B 140 9.23 23.89 2.37
CA PRO B 140 9.74 24.35 3.67
C PRO B 140 9.52 23.31 4.76
N GLY B 141 8.46 22.52 4.65
CA GLY B 141 8.16 21.51 5.67
C GLY B 141 9.21 20.40 5.70
N MET B 142 9.87 20.19 4.57
CA MET B 142 10.91 19.20 4.48
C MET B 142 12.24 19.86 4.76
N ALA B 143 12.47 21.02 4.15
CA ALA B 143 13.76 21.72 4.24
C ALA B 143 14.09 22.24 5.64
N ILE B 144 13.17 22.11 6.59
CA ILE B 144 13.45 22.54 7.96
C ILE B 144 14.59 21.73 8.56
N GLY B 145 14.88 20.58 7.95
CA GLY B 145 16.00 19.77 8.39
C GLY B 145 17.32 20.51 8.33
N TYR B 146 17.46 21.40 7.36
CA TYR B 146 18.71 22.14 7.17
C TYR B 146 19.02 23.12 8.28
N SER B 147 18.06 23.34 9.18
CA SER B 147 18.26 24.27 10.28
C SER B 147 18.89 23.57 11.47
N SER B 148 19.02 22.24 11.38
CA SER B 148 19.63 21.47 12.45
C SER B 148 21.12 21.78 12.61
N SER B 149 21.58 21.87 13.86
CA SER B 149 22.98 22.14 14.15
C SER B 149 23.87 20.89 13.97
N LYS B 150 23.23 19.73 13.89
CA LYS B 150 23.95 18.46 13.73
C LYS B 150 24.40 18.24 12.30
N LEU B 151 23.87 19.04 11.38
CA LEU B 151 24.16 18.85 9.96
C LEU B 151 25.58 19.25 9.55
N THR B 152 26.26 18.35 8.84
CA THR B 152 27.42 18.71 8.04
C THR B 152 27.02 18.46 6.59
N LEU B 153 26.78 19.53 5.83
CA LEU B 153 26.38 19.34 4.45
C LEU B 153 27.61 19.19 3.56
N HIS B 154 27.53 18.22 2.64
CA HIS B 154 28.58 17.93 1.70
C HIS B 154 27.95 17.88 0.33
N VAL B 155 28.48 18.66 -0.61
CA VAL B 155 28.06 18.54 -2.01
C VAL B 155 28.97 17.59 -2.78
N GLY B 156 28.36 16.69 -3.56
CA GLY B 156 29.14 15.77 -4.36
C GLY B 156 28.42 14.46 -4.63
N ASP B 157 28.98 13.66 -5.54
CA ASP B 157 28.44 12.34 -5.87
C ASP B 157 28.69 11.37 -4.72
N GLY B 158 27.60 10.82 -4.20
CA GLY B 158 27.66 9.89 -3.07
C GLY B 158 28.53 8.66 -3.28
N PHE B 159 28.65 8.20 -4.53
CA PHE B 159 29.48 7.05 -4.84
C PHE B 159 30.93 7.36 -4.50
N GLU B 160 31.42 8.45 -5.05
CA GLU B 160 32.79 8.87 -4.77
C GLU B 160 32.97 9.23 -3.30
N PHE B 161 31.94 9.83 -2.69
CA PHE B 161 32.03 10.20 -1.30
C PHE B 161 32.25 8.97 -0.43
N MET B 162 31.61 7.87 -0.80
CA MET B 162 31.63 6.69 0.05
C MET B 162 33.05 6.13 0.15
N LYS B 163 33.84 6.28 -0.91
CA LYS B 163 35.23 5.82 -0.92
C LYS B 163 36.12 6.58 0.07
N GLN B 164 35.67 7.74 0.50
CA GLN B 164 36.47 8.56 1.39
C GLN B 164 36.36 8.10 2.82
N ASN B 165 35.49 7.14 3.09
CA ASN B 165 35.12 6.85 4.47
C ASN B 165 35.38 5.39 4.84
N GLN B 166 35.89 5.17 6.04
CA GLN B 166 36.13 3.81 6.52
C GLN B 166 35.85 3.69 8.02
N ASP B 167 34.96 2.78 8.40
CA ASP B 167 34.70 2.56 9.81
C ASP B 167 34.23 3.85 10.48
N ALA B 168 33.34 4.57 9.82
CA ALA B 168 33.00 5.95 10.21
C ALA B 168 31.56 6.18 10.69
N PHE B 169 30.62 5.37 10.19
CA PHE B 169 29.21 5.62 10.46
C PHE B 169 28.48 4.46 11.12
N ASP B 170 27.60 4.80 12.05
CA ASP B 170 26.68 3.82 12.66
C ASP B 170 25.55 3.48 11.71
N VAL B 171 25.09 4.47 10.97
CA VAL B 171 23.97 4.26 10.06
C VAL B 171 24.19 5.06 8.79
N ILE B 172 23.90 4.43 7.65
CA ILE B 172 23.94 5.11 6.37
C ILE B 172 22.57 4.95 5.70
N ILE B 173 22.04 6.03 5.16
CA ILE B 173 20.77 5.96 4.48
C ILE B 173 20.95 6.51 3.10
N THR B 174 20.49 5.76 2.11
CA THR B 174 20.55 6.28 0.75
C THR B 174 19.16 6.66 0.27
N ASP B 175 18.98 7.96 0.04
CA ASP B 175 17.69 8.52 -0.39
C ASP B 175 17.81 8.99 -1.83
N SER B 176 17.73 8.03 -2.76
CA SER B 176 18.12 8.24 -4.15
C SER B 176 17.03 8.69 -5.12
N SER B 177 17.44 8.94 -6.37
CA SER B 177 16.51 9.13 -7.47
C SER B 177 16.10 7.79 -8.04
N GLY B 181 19.36 8.66 -14.02
CA GLY B 181 19.92 10.00 -13.98
C GLY B 181 21.27 10.06 -13.29
N PRO B 182 21.42 10.97 -12.32
CA PRO B 182 22.62 11.12 -11.48
C PRO B 182 22.72 10.04 -10.39
N ALA B 183 21.59 9.41 -10.07
CA ALA B 183 21.56 8.37 -9.04
C ALA B 183 22.20 7.11 -9.60
N GLU B 184 22.65 7.20 -10.84
CA GLU B 184 23.17 6.04 -11.54
C GLU B 184 24.38 5.46 -10.81
N SER B 185 25.30 6.33 -10.41
CA SER B 185 26.48 5.85 -9.71
C SER B 185 26.09 5.07 -8.46
N LEU B 186 24.89 5.32 -7.95
CA LEU B 186 24.42 4.68 -6.72
C LEU B 186 23.86 3.27 -6.96
N PHE B 187 23.74 2.88 -8.23
CA PHE B 187 23.21 1.55 -8.56
C PHE B 187 24.30 0.60 -9.07
N LYS B 188 25.56 1.01 -8.90
CA LYS B 188 26.70 0.14 -9.11
C LYS B 188 26.75 -0.88 -7.95
N GLU B 189 27.22 -2.10 -8.22
CA GLU B 189 27.20 -3.14 -7.20
C GLU B 189 28.26 -2.95 -6.12
N SER B 190 29.35 -2.25 -6.43
CA SER B 190 30.37 -1.95 -5.43
C SER B 190 29.89 -0.91 -4.41
N TYR B 191 28.82 -0.20 -4.74
CA TYR B 191 28.30 0.80 -3.80
C TYR B 191 27.96 0.15 -2.47
N TYR B 192 27.29 -1.01 -2.52
CA TYR B 192 26.99 -1.73 -1.29
C TYR B 192 28.23 -2.14 -0.51
N GLN B 193 29.25 -2.61 -1.23
CA GLN B 193 30.53 -2.92 -0.58
C GLN B 193 31.20 -1.66 -0.03
N LEU B 194 31.15 -0.57 -0.78
CA LEU B 194 31.67 0.72 -0.28
C LEU B 194 30.95 1.12 1.01
N MET B 195 29.65 0.91 1.05
CA MET B 195 28.88 1.22 2.24
C MET B 195 29.27 0.33 3.41
N LYS B 196 29.47 -0.95 3.16
CA LYS B 196 29.91 -1.87 4.20
C LYS B 196 31.22 -1.38 4.84
N THR B 197 32.13 -0.87 3.99
CA THR B 197 33.45 -0.39 4.44
C THR B 197 33.32 0.86 5.30
N ALA B 198 32.46 1.78 4.87
CA ALA B 198 32.26 3.07 5.54
C ALA B 198 31.58 2.92 6.89
N LEU B 199 30.89 1.79 7.07
CA LEU B 199 30.13 1.56 8.29
C LEU B 199 31.07 1.11 9.38
N LYS B 200 30.74 1.43 10.63
CA LYS B 200 31.43 0.87 11.77
C LYS B 200 31.18 -0.64 11.87
N GLU B 201 31.82 -1.31 12.81
CA GLU B 201 31.80 -2.78 12.82
C GLU B 201 30.42 -3.38 13.03
N ASP B 202 29.55 -2.62 13.69
CA ASP B 202 28.18 -3.06 13.93
C ASP B 202 27.18 -2.12 13.27
N GLY B 203 27.61 -1.44 12.21
CA GLY B 203 26.74 -0.48 11.55
C GLY B 203 25.60 -1.11 10.79
N VAL B 204 24.57 -0.31 10.50
CA VAL B 204 23.46 -0.77 9.67
C VAL B 204 23.18 0.24 8.55
N LEU B 205 22.55 -0.21 7.47
CA LEU B 205 22.21 0.71 6.37
C LEU B 205 20.80 0.50 5.88
N CYS B 206 20.27 1.50 5.18
CA CYS B 206 18.94 1.45 4.60
C CYS B 206 18.91 2.15 3.25
N CYS B 207 18.48 1.42 2.23
CA CYS B 207 18.40 1.96 0.88
C CYS B 207 17.01 1.76 0.31
N GLN B 208 16.61 2.65 -0.58
CA GLN B 208 15.38 2.47 -1.35
C GLN B 208 15.48 1.14 -2.06
N GLY B 209 14.45 0.30 -1.93
CA GLY B 209 14.56 -1.09 -2.32
C GLY B 209 13.56 -1.70 -3.31
N GLU B 210 13.03 -0.89 -4.22
CA GLU B 210 12.09 -1.38 -5.25
C GLU B 210 10.70 -1.71 -4.72
N CYS B 211 9.71 -1.59 -5.60
CA CYS B 211 8.31 -1.95 -5.31
C CYS B 211 8.04 -3.42 -5.56
N GLN B 212 7.54 -4.13 -4.54
CA GLN B 212 7.34 -5.58 -4.68
C GLN B 212 6.22 -5.95 -5.67
N TRP B 213 5.39 -4.97 -6.03
CA TRP B 213 4.38 -5.19 -7.05
C TRP B 213 4.92 -4.94 -8.46
N LEU B 214 6.08 -4.30 -8.56
CA LEU B 214 6.64 -3.94 -9.87
C LEU B 214 7.93 -4.67 -10.26
N HIS B 215 8.82 -4.88 -9.30
CA HIS B 215 10.13 -5.46 -9.59
C HIS B 215 10.56 -6.48 -8.54
N LEU B 216 9.72 -7.48 -8.32
CA LEU B 216 10.02 -8.54 -7.37
C LEU B 216 11.30 -9.27 -7.79
N ASP B 217 11.50 -9.41 -9.10
CA ASP B 217 12.69 -10.09 -9.60
C ASP B 217 13.96 -9.38 -9.13
N LEU B 218 13.93 -8.05 -9.14
CA LEU B 218 15.12 -7.28 -8.79
C LEU B 218 15.37 -7.30 -7.31
N ILE B 219 14.31 -7.42 -6.52
CA ILE B 219 14.43 -7.44 -5.06
C ILE B 219 15.07 -8.75 -4.64
N LYS B 220 14.69 -9.82 -5.32
CA LYS B 220 15.29 -11.13 -5.09
C LYS B 220 16.80 -11.15 -5.37
N GLU B 221 17.22 -10.60 -6.52
CA GLU B 221 18.65 -10.47 -6.85
C GLU B 221 19.41 -9.62 -5.84
N MET B 222 18.89 -8.43 -5.57
CA MET B 222 19.55 -7.51 -4.66
C MET B 222 19.76 -8.19 -3.30
N ARG B 223 18.76 -8.94 -2.86
CA ARG B 223 18.83 -9.63 -1.56
C ARG B 223 19.89 -10.72 -1.52
N GLN B 224 20.04 -11.45 -2.61
CA GLN B 224 21.03 -12.51 -2.69
C GLN B 224 22.41 -11.89 -2.72
N PHE B 225 22.52 -10.75 -3.38
CA PHE B 225 23.81 -10.07 -3.44
C PHE B 225 24.20 -9.52 -2.07
N CYS B 226 23.27 -8.84 -1.41
CA CYS B 226 23.54 -8.30 -0.08
C CYS B 226 23.88 -9.38 0.96
N GLN B 227 23.19 -10.52 0.87
CA GLN B 227 23.39 -11.62 1.83
C GLN B 227 24.80 -12.17 1.71
N SER B 228 25.40 -11.97 0.54
CA SER B 228 26.75 -12.44 0.33
C SER B 228 27.78 -11.48 0.96
N LEU B 229 27.33 -10.28 1.33
CA LEU B 229 28.19 -9.24 1.93
C LEU B 229 27.92 -9.03 3.42
N PHE B 230 26.68 -9.26 3.85
CA PHE B 230 26.23 -8.93 5.21
C PHE B 230 25.58 -10.12 5.91
N PRO B 231 25.80 -10.23 7.22
CA PRO B 231 25.21 -11.40 7.89
C PRO B 231 23.69 -11.30 8.07
N VAL B 232 23.15 -10.08 8.04
CA VAL B 232 21.73 -9.86 8.22
C VAL B 232 21.20 -8.96 7.12
N VAL B 233 20.23 -9.45 6.38
CA VAL B 233 19.63 -8.67 5.29
C VAL B 233 18.12 -8.79 5.42
N ALA B 234 17.38 -7.71 5.16
CA ALA B 234 15.92 -7.74 5.26
C ALA B 234 15.26 -6.78 4.26
N TYR B 235 13.98 -6.99 3.99
CA TYR B 235 13.23 -6.11 3.09
C TYR B 235 11.94 -5.66 3.77
N ALA B 236 11.66 -4.37 3.70
CA ALA B 236 10.46 -3.80 4.29
C ALA B 236 9.80 -2.84 3.32
N TYR B 237 8.55 -2.47 3.60
CA TYR B 237 7.85 -1.58 2.67
C TYR B 237 6.86 -0.70 3.43
N CYS B 238 6.48 0.41 2.80
CA CYS B 238 5.49 1.32 3.36
C CYS B 238 4.60 1.78 2.22
N THR B 239 3.44 2.31 2.56
CA THR B 239 2.53 2.82 1.56
C THR B 239 2.70 4.32 1.35
N ILE B 240 2.41 4.74 0.14
CA ILE B 240 2.59 6.11 -0.25
C ILE B 240 1.96 6.24 -1.63
N PRO B 241 0.79 6.91 -1.68
CA PRO B 241 -0.06 7.03 -2.87
C PRO B 241 0.68 7.49 -4.12
N THR B 242 1.68 8.36 -3.97
CA THR B 242 2.22 9.00 -5.16
C THR B 242 3.49 8.37 -5.72
N TYR B 243 3.88 7.23 -5.17
CA TYR B 243 4.95 6.43 -5.80
C TYR B 243 4.27 5.34 -6.61
N PRO B 244 4.89 4.94 -7.73
CA PRO B 244 4.25 3.96 -8.61
C PRO B 244 3.71 2.78 -7.81
N SER B 245 2.48 2.41 -8.11
CA SER B 245 1.78 1.31 -7.43
C SER B 245 1.45 1.55 -5.95
N GLY B 246 1.74 2.74 -5.46
CA GLY B 246 1.23 3.17 -4.16
C GLY B 246 2.04 2.70 -2.95
N GLN B 247 3.26 2.24 -3.21
CA GLN B 247 4.11 1.75 -2.14
C GLN B 247 5.56 1.64 -2.61
N ILE B 248 6.47 1.50 -1.66
CA ILE B 248 7.89 1.39 -1.97
C ILE B 248 8.56 0.55 -0.90
N GLY B 249 9.67 -0.07 -1.25
CA GLY B 249 10.36 -0.95 -0.33
C GLY B 249 11.71 -0.42 0.11
N PHE B 250 12.23 -1.03 1.17
CA PHE B 250 13.50 -0.67 1.72
C PHE B 250 14.36 -1.92 1.86
N MET B 251 15.62 -1.80 1.45
CA MET B 251 16.60 -2.84 1.72
C MET B 251 17.37 -2.48 2.99
N LEU B 252 17.40 -3.40 3.94
CA LEU B 252 18.13 -3.17 5.18
C LEU B 252 19.24 -4.21 5.33
N CYS B 253 20.47 -3.75 5.61
CA CYS B 253 21.56 -4.67 5.88
C CYS B 253 22.28 -4.31 7.18
N SER B 254 22.72 -5.33 7.91
CA SER B 254 23.53 -5.07 9.09
C SER B 254 24.82 -5.86 9.09
N LYS B 255 25.89 -5.25 9.60
CA LYS B 255 27.15 -5.95 9.79
C LYS B 255 27.14 -6.64 11.15
N ASN B 256 26.14 -6.33 11.95
CA ASN B 256 25.94 -6.97 13.24
C ASN B 256 25.09 -8.22 13.08
N PRO B 257 25.69 -9.42 13.25
CA PRO B 257 24.96 -10.65 12.98
C PRO B 257 23.79 -10.88 13.94
N SER B 258 23.74 -10.15 15.04
CA SER B 258 22.63 -10.29 15.96
C SER B 258 21.47 -9.32 15.70
N THR B 259 21.62 -8.44 14.72
CA THR B 259 20.56 -7.49 14.41
C THR B 259 19.30 -8.25 14.01
N ASN B 260 18.18 -7.89 14.62
CA ASN B 260 16.87 -8.38 14.21
C ASN B 260 16.06 -7.20 13.70
N PHE B 261 16.05 -7.00 12.37
CA PHE B 261 15.38 -5.82 11.81
C PHE B 261 13.87 -5.85 12.10
N GLN B 262 13.30 -7.05 12.19
CA GLN B 262 11.84 -7.18 12.34
C GLN B 262 11.33 -6.71 13.71
N GLU B 263 12.16 -6.84 14.74
CA GLU B 263 11.78 -6.40 16.08
C GLU B 263 12.73 -5.29 16.52
N PRO B 264 12.22 -4.04 16.61
CA PRO B 264 13.11 -2.89 16.86
C PRO B 264 13.87 -3.05 18.17
N VAL B 265 15.18 -2.87 18.12
CA VAL B 265 15.98 -2.87 19.35
C VAL B 265 15.69 -1.59 20.15
N GLN B 266 15.26 -0.55 19.46
CA GLN B 266 14.80 0.67 20.15
C GLN B 266 13.32 0.92 19.92
N PRO B 267 12.46 0.30 20.73
CA PRO B 267 11.02 0.56 20.60
C PRO B 267 10.72 1.98 21.08
N LEU B 268 9.80 2.67 20.42
CA LEU B 268 9.43 4.00 20.86
C LEU B 268 8.16 3.94 21.71
N THR B 269 8.13 4.70 22.80
CA THR B 269 6.93 4.79 23.62
C THR B 269 5.98 5.70 22.87
N GLN B 270 4.71 5.71 23.29
CA GLN B 270 3.73 6.61 22.68
C GLN B 270 4.15 8.06 22.89
N GLN B 271 4.74 8.36 24.06
CA GLN B 271 5.24 9.70 24.35
C GLN B 271 6.27 10.12 23.30
N GLN B 272 7.18 9.22 22.98
CA GLN B 272 8.18 9.58 21.99
C GLN B 272 7.55 9.83 20.63
N VAL B 273 6.67 8.93 20.20
CA VAL B 273 6.00 9.09 18.89
C VAL B 273 5.32 10.45 18.81
N ALA B 274 4.67 10.84 19.92
CA ALA B 274 3.98 12.12 20.01
C ALA B 274 4.96 13.27 20.00
N GLN B 275 6.01 13.16 20.80
CA GLN B 275 7.06 14.18 20.87
C GLN B 275 7.72 14.42 19.52
N MET B 276 7.94 13.33 18.78
CA MET B 276 8.60 13.42 17.48
C MET B 276 7.65 13.82 16.36
N GLN B 277 6.35 13.87 16.70
CA GLN B 277 5.33 14.31 15.75
C GLN B 277 5.19 13.37 14.55
N LEU B 278 5.44 12.10 14.79
CA LEU B 278 5.34 11.10 13.72
C LEU B 278 3.91 10.94 13.23
N LYS B 279 3.74 10.74 11.93
CA LYS B 279 2.43 10.56 11.35
C LYS B 279 2.27 9.21 10.65
N TYR B 280 3.35 8.44 10.54
CA TYR B 280 3.27 7.12 9.95
C TYR B 280 3.91 6.07 10.86
N TYR B 281 5.15 6.31 11.21
CA TYR B 281 5.95 5.30 11.92
C TYR B 281 5.57 5.14 13.38
N ASN B 282 5.57 3.90 13.83
CA ASN B 282 5.62 3.59 15.25
C ASN B 282 6.16 2.18 15.37
N SER B 283 6.29 1.67 16.58
CA SER B 283 6.94 0.36 16.75
C SER B 283 6.16 -0.82 16.18
N ASP B 284 4.83 -0.72 16.13
CA ASP B 284 4.03 -1.79 15.52
C ASP B 284 4.08 -1.71 14.01
N VAL B 285 4.03 -0.48 13.47
CA VAL B 285 4.25 -0.28 12.05
C VAL B 285 5.63 -0.84 11.65
N HIS B 286 6.65 -0.56 12.44
CA HIS B 286 7.97 -1.12 12.20
C HIS B 286 7.87 -2.63 11.95
N ARG B 287 7.34 -3.37 12.93
CA ARG B 287 7.20 -4.81 12.81
C ARG B 287 6.38 -5.24 11.61
N ALA B 288 5.25 -4.59 11.38
CA ALA B 288 4.37 -5.00 10.29
C ALA B 288 4.99 -4.77 8.91
N ALA B 289 5.90 -3.82 8.83
CA ALA B 289 6.48 -3.43 7.55
C ALA B 289 7.26 -4.56 6.89
N PHE B 290 7.64 -5.57 7.69
CA PHE B 290 8.39 -6.71 7.17
C PHE B 290 7.51 -7.91 6.83
N VAL B 291 6.21 -7.77 7.08
CA VAL B 291 5.25 -8.83 6.78
C VAL B 291 4.74 -8.64 5.35
N LEU B 292 5.19 -9.49 4.46
CA LEU B 292 4.93 -9.32 3.04
C LEU B 292 3.78 -10.18 2.51
N PRO B 293 3.15 -9.75 1.42
CA PRO B 293 2.13 -10.58 0.78
C PRO B 293 2.75 -11.92 0.41
N GLU B 294 1.96 -13.00 0.45
CA GLU B 294 2.49 -14.34 0.21
C GLU B 294 3.39 -14.46 -1.03
N PHE B 295 3.03 -13.78 -2.13
CA PHE B 295 3.78 -13.96 -3.37
C PHE B 295 5.21 -13.44 -3.21
N ALA B 296 5.36 -12.39 -2.40
CA ALA B 296 6.67 -11.79 -2.17
C ALA B 296 7.46 -12.54 -1.09
N ARG B 297 6.76 -12.96 -0.05
CA ARG B 297 7.37 -13.76 1.00
C ARG B 297 7.94 -15.03 0.39
N LYS B 298 7.17 -15.68 -0.48
CA LYS B 298 7.60 -16.92 -1.14
C LYS B 298 8.85 -16.68 -1.97
N ALA B 299 8.83 -15.62 -2.78
CA ALA B 299 9.92 -15.30 -3.68
C ALA B 299 11.23 -15.02 -2.95
N LEU B 300 11.14 -14.33 -1.81
CA LEU B 300 12.34 -13.95 -1.07
C LEU B 300 12.81 -15.01 -0.07
N ASN B 301 11.96 -15.98 0.23
CA ASN B 301 12.28 -16.94 1.29
C ASN B 301 12.35 -18.39 0.82
N DSH C . -14.88 -7.45 -7.25
N1 DSH C . -26.95 -5.56 -4.94
C2 DSH C . -26.26 -6.61 -5.40
N3 DSH C . -25.17 -6.45 -6.17
C4 DSH C . -24.74 -5.21 -6.49
C5 DSH C . -25.45 -4.11 -6.02
C6 DSH C . -26.56 -4.31 -5.23
N6 DSH C . -27.28 -3.25 -4.76
N7 DSH C . -24.82 -3.02 -6.48
C8 DSH C . -23.76 -3.42 -7.21
N9 DSH C . -23.72 -4.75 -7.22
CA DSH C . -14.59 -6.15 -7.15
CB DSH C . -15.54 -5.23 -7.10
SD DSH C . -17.78 -4.75 -8.47
CG DSH C . -17.00 -5.63 -7.16
C1' DSH C . -22.70 -5.60 -7.91
C2' DSH C . -22.32 -5.05 -9.28
O2' DSH C . -23.19 -5.57 -10.28
C3' DSH C . -20.91 -5.57 -9.46
O3' DSH C . -20.96 -6.92 -9.96
C4' DSH C . -20.34 -5.64 -8.07
O4' DSH C . -21.46 -5.59 -7.17
C5' DSH C . -19.38 -4.47 -7.79
N DSH D . 13.25 12.34 -0.99
N1 DSH D . 24.92 11.46 -5.10
C2 DSH D . 24.32 12.26 -4.20
N3 DSH D . 23.06 12.66 -4.36
C4 DSH D . 22.34 12.25 -5.43
C5 DSH D . 22.95 11.43 -6.37
C6 DSH D . 24.25 11.03 -6.19
N6 DSH D . 24.85 10.23 -7.09
N7 DSH D . 22.03 11.18 -7.33
C8 DSH D . 20.90 11.83 -6.99
N9 DSH D . 21.10 12.49 -5.83
CA DSH D . 12.75 11.57 -1.96
CB DSH D . 13.51 11.24 -3.02
SD DSH D . 15.15 12.58 -4.65
CG DSH D . 14.93 11.72 -3.12
C1' DSH D . 20.08 13.32 -5.12
C2' DSH D . 19.25 14.16 -6.07
O2' DSH D . 19.90 15.42 -6.28
C3' DSH D . 17.95 14.35 -5.30
O3' DSH D . 18.12 15.44 -4.38
C4' DSH D . 17.82 13.08 -4.47
O4' DSH D . 19.13 12.47 -4.47
C5' DSH D . 16.79 12.11 -5.07
#